data_3O1L
#
_entry.id   3O1L
#
_cell.length_a   131.271
_cell.length_b   131.271
_cell.length_c   102.991
_cell.angle_alpha   90.000
_cell.angle_beta   90.000
_cell.angle_gamma   90.000
#
_symmetry.space_group_name_H-M   'P 41 21 2'
#
loop_
_entity.id
_entity.type
_entity.pdbx_description
1 polymer 'Formyltetrahydrofolate deformylase'
2 non-polymer GLYCEROL
3 non-polymer 'SULFATE ION'
4 water water
#
_entity_poly.entity_id   1
_entity_poly.type   'polypeptide(L)'
_entity_poly.pdbx_seq_one_letter_code
;(MSE)GSDKIHHHHHHENLYFQG(MSE)RTFRLVIACPDRVGIVAKVSNFLASHNGWITEASHHSDNLSGWFF(MSE)RH
EIRADTLPFDLDGFREAFTPIAEEFS(MSE)DWRITDSAQKKRVVL(MSE)ASRESHCLADLLHRWHSDELDCDIACVIS
NHQDLRS(MSE)VEWHDIPYYHVPVDPKDKEPAFAEVSRLVGHHQADVVVLARY(MSE)QILPPQLCREYAHQVINIHHS
FLPSFVGAKPYHQASLRGVKLIGATCHYVTEELDAGPIIEQDVVRVSHRDSIEN(MSE)VRFGRDVEK(MSE)VLARGLR
AHLEDRVLVHDNKTVVFD
;
_entity_poly.pdbx_strand_id   A,B
#
# COMPACT_ATOMS: atom_id res chain seq x y z
N LYS A 5 19.80 -20.60 9.67
CA LYS A 5 20.05 -20.06 11.04
C LYS A 5 19.63 -18.57 11.20
N ILE A 6 19.86 -17.76 10.16
CA ILE A 6 19.42 -16.34 10.13
C ILE A 6 17.91 -16.16 10.03
N HIS A 7 17.21 -17.20 9.54
CA HIS A 7 15.75 -17.18 9.40
CA HIS A 7 15.75 -17.20 9.39
C HIS A 7 15.03 -17.60 10.69
N HIS A 8 15.76 -18.23 11.62
CA HIS A 8 15.21 -18.59 12.95
C HIS A 8 15.43 -17.45 13.96
N HIS A 9 16.61 -16.82 13.93
CA HIS A 9 16.88 -15.65 14.78
CA HIS A 9 16.87 -15.66 14.79
C HIS A 9 15.85 -14.57 14.47
N HIS A 10 15.48 -14.45 13.19
CA HIS A 10 14.46 -13.51 12.74
C HIS A 10 13.07 -13.96 13.25
N HIS A 11 12.89 -15.26 13.48
CA HIS A 11 11.64 -15.79 14.06
C HIS A 11 11.48 -15.34 15.52
N HIS A 12 12.55 -15.46 16.31
CA HIS A 12 12.55 -15.03 17.70
C HIS A 12 12.39 -13.49 17.84
N GLU A 13 13.17 -12.73 17.07
CA GLU A 13 13.12 -11.28 17.13
CA GLU A 13 13.10 -11.28 17.15
C GLU A 13 11.70 -10.81 16.81
N ASN A 14 11.07 -11.43 15.81
CA ASN A 14 9.71 -11.01 15.48
C ASN A 14 8.71 -11.34 16.59
N LEU A 15 8.89 -12.46 17.30
CA LEU A 15 7.99 -12.74 18.43
C LEU A 15 8.30 -11.81 19.63
N TYR A 16 9.56 -11.41 19.78
CA TYR A 16 10.02 -10.74 21.01
C TYR A 16 9.30 -9.45 21.32
N PHE A 17 9.10 -8.65 20.30
CA PHE A 17 8.50 -7.36 20.44
C PHE A 17 7.00 -7.32 20.19
N GLN A 18 6.35 -8.44 20.02
CA GLN A 18 4.94 -8.40 19.56
C GLN A 18 3.96 -8.05 20.69
N GLY A 19 2.80 -7.55 20.28
CA GLY A 19 1.64 -7.40 21.14
C GLY A 19 1.69 -6.34 22.23
N ARG A 21 0.76 -2.72 23.91
CA ARG A 21 -0.43 -1.90 23.90
C ARG A 21 -0.20 -0.50 23.30
N THR A 22 -1.08 -0.11 22.39
CA THR A 22 -1.01 1.18 21.75
C THR A 22 -2.33 1.94 21.88
N PHE A 23 -2.22 3.27 21.85
CA PHE A 23 -3.37 4.13 21.69
C PHE A 23 -3.38 4.51 20.20
N ARG A 24 -4.58 4.61 19.60
CA ARG A 24 -4.70 5.00 18.20
C ARG A 24 -5.42 6.33 18.10
N LEU A 25 -4.73 7.33 17.62
CA LEU A 25 -5.22 8.70 17.46
C LEU A 25 -5.60 8.88 16.00
N VAL A 26 -6.88 9.15 15.75
CA VAL A 26 -7.41 9.20 14.39
C VAL A 26 -8.08 10.55 14.24
N ILE A 27 -7.62 11.31 13.26
CA ILE A 27 -8.05 12.69 13.05
C ILE A 27 -8.44 12.94 11.60
N ALA A 28 -9.52 13.70 11.41
CA ALA A 28 -9.87 14.32 10.14
C ALA A 28 -10.18 15.81 10.45
N CYS A 29 -9.65 16.71 9.63
CA CYS A 29 -9.82 18.13 9.86
C CYS A 29 -9.46 18.96 8.62
N PRO A 30 -9.93 20.23 8.56
CA PRO A 30 -9.48 21.09 7.47
C PRO A 30 -7.93 21.14 7.45
N ASP A 31 -7.37 20.93 6.26
CA ASP A 31 -5.93 20.92 6.09
C ASP A 31 -5.35 22.30 6.37
N ARG A 32 -4.37 22.37 7.26
CA ARG A 32 -3.66 23.59 7.67
C ARG A 32 -2.15 23.29 7.81
N VAL A 33 -1.29 24.28 7.64
CA VAL A 33 0.15 24.07 7.71
C VAL A 33 0.70 23.43 9.01
N GLY A 34 0.15 23.80 10.14
CA GLY A 34 0.75 23.41 11.41
C GLY A 34 0.07 22.32 12.19
N ILE A 35 -0.77 21.50 11.57
CA ILE A 35 -1.48 20.42 12.29
C ILE A 35 -0.47 19.40 12.81
N VAL A 36 0.39 18.91 11.94
CA VAL A 36 1.35 17.87 12.34
C VAL A 36 2.37 18.41 13.34
N ALA A 37 2.84 19.63 13.14
CA ALA A 37 3.74 20.27 14.13
C ALA A 37 3.09 20.33 15.52
N LYS A 38 1.81 20.69 15.56
CA LYS A 38 1.14 20.88 16.83
C LYS A 38 0.83 19.54 17.53
N VAL A 39 0.32 18.57 16.79
CA VAL A 39 0.01 17.24 17.35
C VAL A 39 1.30 16.50 17.77
N SER A 40 2.29 16.46 16.89
CA SER A 40 3.54 15.78 17.20
C SER A 40 4.28 16.45 18.36
N ASN A 41 4.20 17.79 18.45
CA ASN A 41 4.77 18.48 19.59
C ASN A 41 4.07 18.07 20.88
N PHE A 42 2.74 18.00 20.84
CA PHE A 42 1.95 17.57 21.99
C PHE A 42 2.43 16.17 22.41
N LEU A 43 2.49 15.24 21.46
CA LEU A 43 2.92 13.88 21.78
C LEU A 43 4.38 13.86 22.31
N ALA A 44 5.29 14.54 21.62
CA ALA A 44 6.69 14.61 22.04
C ALA A 44 6.84 15.15 23.45
N SER A 45 6.05 16.16 23.76
CA SER A 45 6.14 16.80 25.06
C SER A 45 5.67 15.85 26.16
N HIS A 46 4.77 14.92 25.86
CA HIS A 46 4.35 13.90 26.82
C HIS A 46 5.11 12.55 26.65
N ASN A 47 6.19 12.56 25.89
CA ASN A 47 7.11 11.42 25.74
C ASN A 47 6.51 10.18 25.09
N GLY A 48 5.60 10.42 24.16
CA GLY A 48 4.91 9.37 23.47
C GLY A 48 5.69 8.90 22.28
N TRP A 49 5.95 7.61 22.22
CA TRP A 49 6.66 7.04 21.08
C TRP A 49 5.65 6.53 20.02
N ILE A 50 5.76 7.13 18.83
CA ILE A 50 4.89 6.80 17.74
C ILE A 50 5.50 5.63 16.97
N THR A 51 4.79 4.51 16.94
CA THR A 51 5.24 3.31 16.25
C THR A 51 4.63 3.15 14.90
N GLU A 52 3.65 3.99 14.55
CA GLU A 52 3.10 4.02 13.17
C GLU A 52 2.48 5.37 12.93
N ALA A 53 2.74 5.95 11.76
CA ALA A 53 2.20 7.24 11.39
C ALA A 53 1.74 7.20 9.94
N SER A 54 0.48 7.55 9.71
CA SER A 54 -0.12 7.56 8.37
C SER A 54 -0.90 8.86 8.17
N HIS A 55 -0.47 9.67 7.18
CA HIS A 55 -1.06 10.97 6.89
C HIS A 55 -1.56 10.98 5.44
N HIS A 56 -2.62 11.76 5.17
CA HIS A 56 -3.16 11.93 3.81
C HIS A 56 -3.87 13.29 3.72
N SER A 57 -3.56 14.03 2.66
CA SER A 57 -4.30 15.23 2.29
C SER A 57 -5.13 14.95 1.03
N ASP A 58 -6.37 15.42 1.05
CA ASP A 58 -7.27 15.35 -0.09
C ASP A 58 -7.31 16.75 -0.62
N ASN A 59 -6.51 17.02 -1.66
CA ASN A 59 -6.37 18.39 -2.13
C ASN A 59 -7.63 18.97 -2.79
N LEU A 60 -8.55 18.13 -3.23
CA LEU A 60 -9.79 18.64 -3.81
C LEU A 60 -10.79 19.18 -2.76
N SER A 61 -10.93 18.54 -1.61
CA SER A 61 -11.77 19.11 -0.54
C SER A 61 -10.96 19.94 0.47
N GLY A 62 -9.63 19.92 0.37
CA GLY A 62 -8.77 20.64 1.33
C GLY A 62 -8.82 20.06 2.74
N TRP A 63 -8.99 18.74 2.85
CA TRP A 63 -9.08 18.05 4.14
CA TRP A 63 -9.04 18.09 4.17
C TRP A 63 -7.80 17.24 4.40
N PHE A 64 -7.52 16.99 5.68
CA PHE A 64 -6.34 16.25 6.14
C PHE A 64 -6.77 15.09 7.02
N PHE A 65 -6.08 13.97 6.88
CA PHE A 65 -6.42 12.76 7.64
C PHE A 65 -5.13 12.17 8.20
N ARG A 67 -3.55 9.07 11.18
CA ARG A 67 -3.63 8.03 12.15
C ARG A 67 -2.23 7.78 12.70
N HIS A 68 -2.10 7.94 14.02
CA HIS A 68 -0.91 7.62 14.78
C HIS A 68 -1.19 6.53 15.80
N GLU A 69 -0.31 5.53 15.81
CA GLU A 69 -0.28 4.50 16.85
CA GLU A 69 -0.31 4.52 16.84
C GLU A 69 0.82 4.91 17.78
N ILE A 70 0.50 5.03 19.06
CA ILE A 70 1.43 5.46 20.10
C ILE A 70 1.47 4.41 21.21
N ARG A 71 2.66 4.04 21.66
CA ARG A 71 2.81 3.10 22.74
C ARG A 71 2.15 3.64 23.98
N ALA A 72 1.12 2.94 24.46
CA ALA A 72 0.29 3.47 25.53
C ALA A 72 1.09 3.79 26.78
N ASP A 73 2.01 2.89 27.13
CA ASP A 73 2.81 3.05 28.34
C ASP A 73 4.01 4.04 28.24
N THR A 74 4.27 4.63 27.07
CA THR A 74 5.23 5.75 27.01
C THR A 74 4.59 7.11 27.39
N LEU A 75 3.27 7.16 27.48
CA LEU A 75 2.52 8.38 27.83
C LEU A 75 2.20 8.41 29.31
N PRO A 76 1.98 9.61 29.90
CA PRO A 76 1.76 9.75 31.35
C PRO A 76 0.31 9.67 31.79
N PHE A 77 -0.62 9.46 30.86
CA PHE A 77 -2.05 9.36 31.18
C PHE A 77 -2.76 8.18 30.51
N ASP A 78 -3.92 7.85 31.06
CA ASP A 78 -4.78 6.85 30.50
C ASP A 78 -5.52 7.47 29.32
N LEU A 79 -6.41 6.68 28.74
CA LEU A 79 -7.15 7.10 27.59
C LEU A 79 -8.00 8.36 27.90
N ASP A 80 -8.67 8.36 29.05
CA ASP A 80 -9.48 9.53 29.43
C ASP A 80 -8.62 10.76 29.56
N GLY A 81 -7.46 10.63 30.20
CA GLY A 81 -6.56 11.76 30.38
C GLY A 81 -5.98 12.29 29.07
N PHE A 82 -5.69 11.39 28.14
CA PHE A 82 -5.21 11.74 26.80
C PHE A 82 -6.27 12.61 26.14
N ARG A 83 -7.53 12.17 26.19
CA ARG A 83 -8.62 12.89 25.57
C ARG A 83 -8.78 14.30 26.12
N GLU A 84 -8.69 14.41 27.43
CA GLU A 84 -8.84 15.69 28.10
CA GLU A 84 -8.82 15.69 28.13
C GLU A 84 -7.66 16.60 27.78
N ALA A 85 -6.45 16.04 27.83
CA ALA A 85 -5.24 16.83 27.53
C ALA A 85 -5.19 17.27 26.06
N PHE A 86 -5.78 16.49 25.16
CA PHE A 86 -5.73 16.77 23.67
C PHE A 86 -6.87 17.68 23.15
N THR A 87 -7.95 17.77 23.91
CA THR A 87 -9.11 18.58 23.52
C THR A 87 -8.81 20.01 23.01
N PRO A 88 -7.89 20.76 23.65
CA PRO A 88 -7.59 22.11 23.13
C PRO A 88 -7.08 22.16 21.68
N ILE A 89 -6.20 21.24 21.33
CA ILE A 89 -5.69 21.12 19.95
C ILE A 89 -6.81 20.72 18.98
N ALA A 90 -7.63 19.74 19.39
CA ALA A 90 -8.79 19.31 18.62
C ALA A 90 -9.73 20.50 18.30
N GLU A 91 -10.02 21.29 19.32
CA GLU A 91 -10.88 22.44 19.15
C GLU A 91 -10.18 23.52 18.29
N GLU A 92 -8.88 23.76 18.49
CA GLU A 92 -8.19 24.78 17.70
C GLU A 92 -8.26 24.47 16.22
N PHE A 93 -8.17 23.20 15.87
CA PHE A 93 -8.12 22.74 14.49
C PHE A 93 -9.41 22.13 13.94
N SER A 94 -10.50 22.26 14.70
CA SER A 94 -11.86 21.82 14.31
C SER A 94 -11.83 20.37 13.85
N ASP A 96 -12.43 16.34 13.68
CA ASP A 96 -13.27 15.17 13.91
CA ASP A 96 -13.27 15.19 13.93
C ASP A 96 -12.23 14.13 14.32
N TRP A 97 -12.25 13.72 15.58
CA TRP A 97 -11.19 12.89 16.12
C TRP A 97 -11.65 11.89 17.14
N ARG A 98 -10.78 10.91 17.36
CA ARG A 98 -10.94 9.95 18.44
C ARG A 98 -9.61 9.26 18.79
N ILE A 99 -9.58 8.72 20.01
CA ILE A 99 -8.49 7.93 20.50
C ILE A 99 -9.09 6.62 21.00
N THR A 100 -8.52 5.50 20.56
CA THR A 100 -8.90 4.17 21.02
C THR A 100 -7.70 3.45 21.70
N ASP A 101 -8.03 2.46 22.49
CA ASP A 101 -7.09 1.66 23.23
C ASP A 101 -7.07 0.30 22.55
N SER A 102 -5.91 -0.09 22.02
CA SER A 102 -5.74 -1.38 21.35
C SER A 102 -6.15 -2.58 22.23
N ALA A 103 -6.07 -2.44 23.55
CA ALA A 103 -6.47 -3.51 24.45
C ALA A 103 -7.97 -3.54 24.76
N GLN A 104 -8.71 -2.52 24.34
CA GLN A 104 -10.19 -2.51 24.50
C GLN A 104 -10.79 -3.15 23.24
N LYS A 105 -11.38 -4.33 23.39
CA LYS A 105 -12.01 -5.02 22.29
C LYS A 105 -13.32 -4.35 21.87
N LYS A 106 -13.48 -4.07 20.58
CA LYS A 106 -14.75 -3.57 20.09
C LYS A 106 -15.79 -4.70 20.14
N ARG A 107 -17.03 -4.33 20.37
CA ARG A 107 -18.14 -5.28 20.43
CA ARG A 107 -18.13 -5.30 20.42
C ARG A 107 -18.81 -5.36 19.05
N VAL A 108 -18.77 -6.53 18.42
CA VAL A 108 -19.31 -6.71 17.10
C VAL A 108 -20.60 -7.55 17.15
N VAL A 109 -21.66 -7.02 16.55
CA VAL A 109 -22.89 -7.79 16.34
C VAL A 109 -22.85 -8.21 14.87
N LEU A 110 -23.10 -9.49 14.63
CA LEU A 110 -23.07 -10.08 13.29
C LEU A 110 -24.49 -10.46 12.90
N ALA A 112 -26.84 -12.55 9.90
CA ALA A 112 -26.79 -13.53 8.83
C ALA A 112 -28.17 -14.08 8.58
N SER A 113 -28.39 -14.48 7.33
CA SER A 113 -29.62 -15.09 6.90
C SER A 113 -29.38 -16.59 6.73
N ARG A 114 -29.44 -17.14 5.52
CA ARG A 114 -29.24 -18.58 5.32
C ARG A 114 -27.82 -18.98 4.94
N GLU A 115 -27.15 -18.20 4.11
CA GLU A 115 -25.78 -18.49 3.69
C GLU A 115 -24.74 -18.34 4.83
N SER A 116 -23.90 -19.36 4.97
CA SER A 116 -23.01 -19.50 6.12
C SER A 116 -21.57 -19.10 5.88
N HIS A 117 -21.18 -18.85 4.64
CA HIS A 117 -19.77 -18.73 4.31
C HIS A 117 -19.04 -17.53 4.97
N CYS A 118 -19.63 -16.34 4.93
CA CYS A 118 -19.07 -15.15 5.59
C CYS A 118 -19.05 -15.27 7.12
N LEU A 119 -20.17 -15.72 7.66
CA LEU A 119 -20.29 -15.91 9.11
C LEU A 119 -19.29 -16.94 9.62
N ALA A 120 -19.20 -18.10 8.98
CA ALA A 120 -18.23 -19.14 9.43
C ALA A 120 -16.78 -18.63 9.32
N ASP A 121 -16.47 -17.91 8.25
CA ASP A 121 -15.14 -17.34 8.11
C ASP A 121 -14.82 -16.40 9.27
N LEU A 122 -15.75 -15.52 9.62
CA LEU A 122 -15.50 -14.54 10.67
C LEU A 122 -15.44 -15.22 12.04
N LEU A 123 -16.36 -16.14 12.31
CA LEU A 123 -16.31 -16.90 13.55
C LEU A 123 -14.98 -17.66 13.70
N HIS A 124 -14.48 -18.25 12.62
CA HIS A 124 -13.20 -18.95 12.71
C HIS A 124 -12.02 -18.02 13.01
N ARG A 125 -11.95 -16.88 12.35
CA ARG A 125 -10.91 -15.89 12.62
C ARG A 125 -11.01 -15.41 14.07
N TRP A 126 -12.22 -15.28 14.58
CA TRP A 126 -12.43 -14.84 15.96
C TRP A 126 -11.91 -15.89 16.94
N HIS A 127 -12.30 -17.13 16.72
CA HIS A 127 -11.97 -18.26 17.59
C HIS A 127 -10.48 -18.60 17.59
N SER A 128 -9.80 -18.32 16.48
CA SER A 128 -8.37 -18.60 16.35
C SER A 128 -7.52 -17.38 16.75
N ASP A 129 -8.14 -16.35 17.33
CA ASP A 129 -7.46 -15.15 17.83
C ASP A 129 -6.82 -14.24 16.78
N GLU A 130 -7.29 -14.35 15.54
CA GLU A 130 -6.81 -13.53 14.45
C GLU A 130 -7.55 -12.20 14.42
N LEU A 131 -8.87 -12.26 14.64
CA LEU A 131 -9.77 -11.09 14.62
C LEU A 131 -9.93 -10.50 16.02
N ASP A 132 -9.33 -9.35 16.29
CA ASP A 132 -9.33 -8.85 17.66
C ASP A 132 -10.61 -8.09 17.97
N CYS A 133 -11.57 -8.79 18.56
CA CYS A 133 -12.85 -8.23 18.94
C CYS A 133 -13.65 -9.21 19.78
N ASP A 134 -14.71 -8.71 20.42
CA ASP A 134 -15.72 -9.57 21.03
C ASP A 134 -16.91 -9.63 20.08
N ILE A 135 -17.42 -10.83 19.83
CA ILE A 135 -18.64 -10.99 19.06
C ILE A 135 -19.76 -11.02 20.11
N ALA A 136 -20.52 -9.93 20.23
CA ALA A 136 -21.58 -9.84 21.25
C ALA A 136 -22.70 -10.82 20.98
N CYS A 137 -23.09 -10.92 19.71
CA CYS A 137 -24.12 -11.87 19.30
C CYS A 137 -24.26 -11.98 17.79
N VAL A 138 -25.07 -12.95 17.40
CA VAL A 138 -25.50 -13.09 16.03
C VAL A 138 -27.02 -12.97 15.98
N ILE A 139 -27.50 -12.06 15.14
CA ILE A 139 -28.91 -11.90 14.89
C ILE A 139 -29.20 -12.49 13.52
N SER A 140 -30.27 -13.27 13.41
CA SER A 140 -30.63 -13.91 12.15
C SER A 140 -32.15 -13.98 11.93
N ASN A 141 -32.59 -13.80 10.69
CA ASN A 141 -34.00 -14.01 10.35
C ASN A 141 -34.42 -15.49 10.25
N HIS A 142 -33.49 -16.42 10.43
CA HIS A 142 -33.77 -17.87 10.40
C HIS A 142 -33.04 -18.60 11.54
N GLN A 143 -33.33 -19.89 11.68
CA GLN A 143 -32.75 -20.74 12.73
C GLN A 143 -31.60 -21.62 12.20
N ASP A 144 -31.36 -21.59 10.89
CA ASP A 144 -30.34 -22.42 10.21
C ASP A 144 -28.96 -22.38 10.87
N LEU A 145 -28.48 -21.17 11.15
CA LEU A 145 -27.11 -20.99 11.64
C LEU A 145 -26.97 -21.05 13.16
N ARG A 146 -28.02 -21.43 13.87
CA ARG A 146 -27.97 -21.50 15.33
C ARG A 146 -26.86 -22.41 15.83
N SER A 147 -26.81 -23.63 15.30
CA SER A 147 -25.90 -24.64 15.82
C SER A 147 -24.44 -24.21 15.78
N VAL A 149 -23.19 -21.17 15.62
CA VAL A 149 -22.94 -20.02 16.48
C VAL A 149 -22.88 -20.48 17.94
N GLU A 150 -23.83 -21.31 18.36
CA GLU A 150 -23.88 -21.70 19.76
C GLU A 150 -22.69 -22.57 20.21
N TRP A 151 -22.02 -23.24 19.26
CA TRP A 151 -20.80 -23.99 19.57
C TRP A 151 -19.71 -23.07 20.14
N HIS A 152 -19.68 -21.83 19.67
CA HIS A 152 -18.73 -20.83 20.14
C HIS A 152 -19.15 -20.08 21.41
N ASP A 153 -20.29 -20.45 22.00
CA ASP A 153 -20.84 -19.79 23.21
C ASP A 153 -21.16 -18.29 23.00
N ILE A 154 -21.60 -17.96 21.79
CA ILE A 154 -22.01 -16.63 21.39
C ILE A 154 -23.53 -16.68 21.36
N PRO A 155 -24.23 -15.67 21.93
CA PRO A 155 -25.68 -15.74 21.84
C PRO A 155 -26.24 -15.58 20.40
N TYR A 156 -27.29 -16.33 20.12
CA TYR A 156 -27.97 -16.34 18.84
C TYR A 156 -29.44 -15.95 19.03
N TYR A 157 -29.84 -14.88 18.36
CA TYR A 157 -31.20 -14.37 18.41
C TYR A 157 -31.88 -14.53 17.05
N HIS A 158 -32.90 -15.39 17.03
CA HIS A 158 -33.78 -15.60 15.89
C HIS A 158 -34.87 -14.53 15.91
N VAL A 159 -34.75 -13.57 15.00
CA VAL A 159 -35.73 -12.50 14.85
C VAL A 159 -36.38 -12.64 13.46
N PRO A 160 -37.41 -13.52 13.33
CA PRO A 160 -38.07 -13.67 12.03
C PRO A 160 -38.78 -12.41 11.58
N VAL A 161 -38.66 -12.11 10.29
CA VAL A 161 -39.28 -10.93 9.69
C VAL A 161 -40.65 -11.33 9.15
N ASP A 162 -41.70 -10.64 9.59
CA ASP A 162 -43.02 -10.83 8.99
C ASP A 162 -43.01 -9.82 7.83
N PRO A 163 -43.04 -10.32 6.57
CA PRO A 163 -42.92 -9.42 5.42
C PRO A 163 -44.15 -8.53 5.20
N LYS A 164 -45.28 -8.86 5.82
CA LYS A 164 -46.46 -8.00 5.79
C LYS A 164 -46.19 -6.80 6.74
N ASP A 165 -45.90 -7.09 8.02
CA ASP A 165 -45.58 -6.07 9.04
C ASP A 165 -44.13 -6.20 9.56
N LYS A 166 -43.25 -5.31 9.10
CA LYS A 166 -41.82 -5.38 9.47
C LYS A 166 -41.43 -4.69 10.78
N GLU A 167 -42.35 -3.96 11.42
CA GLU A 167 -41.97 -3.17 12.63
C GLU A 167 -41.58 -3.99 13.87
N PRO A 168 -42.32 -5.07 14.19
CA PRO A 168 -41.89 -5.90 15.33
C PRO A 168 -40.47 -6.46 15.19
N ALA A 169 -40.09 -6.90 13.99
CA ALA A 169 -38.73 -7.37 13.69
C ALA A 169 -37.70 -6.23 13.84
N PHE A 170 -37.96 -5.09 13.20
CA PHE A 170 -37.10 -3.91 13.29
C PHE A 170 -36.80 -3.47 14.72
N ALA A 171 -37.84 -3.41 15.53
CA ALA A 171 -37.74 -2.95 16.92
C ALA A 171 -36.86 -3.86 17.75
N GLU A 172 -36.99 -5.16 17.53
CA GLU A 172 -36.22 -6.17 18.26
C GLU A 172 -34.73 -6.19 17.87
N VAL A 173 -34.41 -6.02 16.58
CA VAL A 173 -33.01 -5.90 16.14
C VAL A 173 -32.34 -4.73 16.85
N SER A 174 -33.02 -3.58 16.87
CA SER A 174 -32.54 -2.36 17.52
C SER A 174 -32.38 -2.53 19.02
N ARG A 175 -33.34 -3.18 19.65
CA ARG A 175 -33.25 -3.47 21.09
C ARG A 175 -32.01 -4.33 21.36
N LEU A 176 -31.89 -5.44 20.61
CA LEU A 176 -30.78 -6.38 20.79
C LEU A 176 -29.41 -5.74 20.57
N VAL A 177 -29.30 -4.91 19.54
CA VAL A 177 -28.05 -4.21 19.24
C VAL A 177 -27.71 -3.23 20.35
N GLY A 178 -28.74 -2.58 20.90
CA GLY A 178 -28.58 -1.64 22.00
C GLY A 178 -28.20 -2.36 23.29
N HIS A 179 -28.91 -3.43 23.61
CA HIS A 179 -28.59 -4.24 24.79
C HIS A 179 -27.15 -4.73 24.78
N HIS A 180 -26.65 -5.14 23.61
CA HIS A 180 -25.25 -5.59 23.49
C HIS A 180 -24.24 -4.47 23.28
N GLN A 181 -24.71 -3.23 23.22
CA GLN A 181 -23.83 -2.04 23.18
C GLN A 181 -22.83 -2.11 22.04
N ALA A 182 -23.33 -2.43 20.86
CA ALA A 182 -22.51 -2.65 19.67
C ALA A 182 -21.69 -1.45 19.26
N ASP A 183 -20.43 -1.70 18.90
CA ASP A 183 -19.60 -0.67 18.26
C ASP A 183 -19.64 -0.84 16.74
N VAL A 184 -19.90 -2.08 16.27
CA VAL A 184 -19.96 -2.40 14.86
C VAL A 184 -21.07 -3.42 14.61
N VAL A 185 -21.87 -3.20 13.56
CA VAL A 185 -22.87 -4.19 13.10
C VAL A 185 -22.36 -4.66 11.75
N VAL A 186 -22.21 -5.97 11.58
CA VAL A 186 -21.69 -6.55 10.33
C VAL A 186 -22.76 -7.41 9.69
N LEU A 187 -23.09 -7.12 8.42
CA LEU A 187 -24.08 -7.91 7.67
C LEU A 187 -23.32 -8.98 6.86
N ALA A 188 -23.29 -10.19 7.42
CA ALA A 188 -22.57 -11.31 6.83
C ALA A 188 -23.51 -12.00 5.86
N ARG A 189 -23.84 -11.32 4.77
CA ARG A 189 -24.90 -11.77 3.83
C ARG A 189 -26.27 -11.84 4.53
N TYR A 190 -26.63 -10.80 5.26
CA TYR A 190 -27.99 -10.68 5.81
C TYR A 190 -28.82 -9.96 4.76
N GLN A 192 -32.21 -9.02 4.59
CA GLN A 192 -33.41 -8.26 4.87
C GLN A 192 -33.11 -6.78 5.05
N ILE A 193 -34.16 -5.97 4.95
CA ILE A 193 -34.07 -4.52 5.10
C ILE A 193 -33.72 -4.23 6.54
N LEU A 194 -32.75 -3.33 6.74
CA LEU A 194 -32.40 -2.92 8.07
C LEU A 194 -33.41 -1.93 8.62
N PRO A 195 -33.55 -1.89 9.96
CA PRO A 195 -34.32 -0.79 10.53
C PRO A 195 -33.75 0.54 10.02
N PRO A 196 -34.60 1.45 9.50
CA PRO A 196 -34.06 2.70 8.93
C PRO A 196 -33.29 3.58 9.94
N GLN A 197 -33.63 3.46 11.23
CA GLN A 197 -32.93 4.17 12.30
C GLN A 197 -31.51 3.67 12.55
N LEU A 198 -31.21 2.43 12.15
CA LEU A 198 -29.97 1.76 12.55
C LEU A 198 -28.73 2.38 11.90
N CYS A 199 -28.77 2.63 10.61
CA CYS A 199 -27.61 3.20 9.92
C CYS A 199 -27.45 4.72 10.15
N ARG A 200 -28.46 5.35 10.75
CA ARG A 200 -28.38 6.74 11.20
C ARG A 200 -27.77 6.79 12.62
N GLU A 201 -28.24 5.91 13.51
CA GLU A 201 -27.67 5.80 14.87
C GLU A 201 -26.24 5.26 14.90
N TYR A 202 -25.97 4.26 14.05
CA TYR A 202 -24.65 3.64 13.93
C TYR A 202 -23.99 4.08 12.61
N ALA A 203 -23.87 5.38 12.43
CA ALA A 203 -23.30 5.97 11.21
C ALA A 203 -21.86 5.52 11.04
N HIS A 204 -21.57 4.95 9.88
CA HIS A 204 -20.25 4.39 9.56
C HIS A 204 -19.80 3.32 10.54
N GLN A 205 -20.78 2.60 11.11
CA GLN A 205 -20.53 1.47 11.98
C GLN A 205 -21.33 0.20 11.57
N VAL A 206 -22.01 0.28 10.42
CA VAL A 206 -22.75 -0.84 9.84
C VAL A 206 -22.03 -1.16 8.54
N ILE A 207 -21.43 -2.34 8.50
CA ILE A 207 -20.63 -2.80 7.40
C ILE A 207 -21.35 -3.93 6.70
N ASN A 208 -21.42 -3.83 5.38
CA ASN A 208 -22.09 -4.81 4.54
C ASN A 208 -21.13 -5.44 3.56
N ILE A 209 -21.38 -6.69 3.19
CA ILE A 209 -20.69 -7.31 2.11
C ILE A 209 -21.71 -7.51 1.00
N HIS A 210 -21.48 -6.83 -0.12
CA HIS A 210 -22.31 -6.97 -1.31
C HIS A 210 -21.64 -7.86 -2.35
N HIS A 211 -22.46 -8.67 -3.00
CA HIS A 211 -22.01 -9.73 -3.92
C HIS A 211 -21.91 -9.29 -5.40
N SER A 212 -21.43 -8.06 -5.62
CA SER A 212 -21.07 -7.59 -6.95
C SER A 212 -19.95 -6.58 -6.79
N PHE A 213 -19.24 -6.35 -7.88
CA PHE A 213 -18.23 -5.30 -7.90
C PHE A 213 -18.99 -4.01 -8.17
N LEU A 214 -19.36 -3.28 -7.12
CA LEU A 214 -20.13 -2.07 -7.29
C LEU A 214 -19.33 -1.04 -8.09
N PRO A 215 -20.01 -0.19 -8.87
CA PRO A 215 -21.46 -0.02 -8.98
C PRO A 215 -22.21 -0.91 -9.97
N SER A 216 -21.57 -1.91 -10.59
CA SER A 216 -22.26 -2.84 -11.49
C SER A 216 -23.14 -3.80 -10.72
N PHE A 217 -24.23 -4.22 -11.34
CA PHE A 217 -25.03 -5.34 -10.88
C PHE A 217 -25.62 -5.14 -9.48
N VAL A 218 -26.38 -4.07 -9.36
CA VAL A 218 -27.15 -3.79 -8.16
C VAL A 218 -28.47 -4.56 -8.32
N GLY A 219 -29.15 -4.76 -7.20
CA GLY A 219 -30.45 -5.42 -7.24
C GLY A 219 -30.34 -6.91 -7.06
N ALA A 220 -31.37 -7.62 -7.52
CA ALA A 220 -31.49 -9.06 -7.33
C ALA A 220 -30.55 -9.86 -8.26
N LYS A 221 -29.91 -10.87 -7.66
CA LYS A 221 -29.15 -11.90 -8.38
C LYS A 221 -27.99 -11.31 -9.22
N PRO A 222 -27.02 -10.66 -8.55
CA PRO A 222 -25.92 -10.02 -9.28
C PRO A 222 -25.06 -10.98 -10.10
N TYR A 223 -24.93 -12.24 -9.70
CA TYR A 223 -24.13 -13.22 -10.45
C TYR A 223 -24.84 -13.61 -11.73
N HIS A 224 -26.16 -13.75 -11.66
CA HIS A 224 -26.96 -14.01 -12.84
C HIS A 224 -26.86 -12.82 -13.82
N GLN A 225 -26.88 -11.60 -13.29
CA GLN A 225 -26.72 -10.39 -14.10
C GLN A 225 -25.36 -10.36 -14.81
N ALA A 226 -24.30 -10.80 -14.10
CA ALA A 226 -22.95 -10.81 -14.68
C ALA A 226 -22.88 -11.83 -15.80
N SER A 227 -23.45 -13.01 -15.55
CA SER A 227 -23.48 -14.07 -16.54
C SER A 227 -24.14 -13.63 -17.83
N LEU A 228 -25.27 -12.93 -17.72
CA LEU A 228 -25.98 -12.45 -18.90
C LEU A 228 -25.19 -11.36 -19.65
N ARG A 229 -24.52 -10.46 -18.93
CA ARG A 229 -23.65 -9.43 -19.57
C ARG A 229 -22.37 -10.05 -20.21
N GLY A 230 -21.98 -11.23 -19.73
CA GLY A 230 -20.79 -11.92 -20.21
C GLY A 230 -19.49 -11.27 -19.79
N VAL A 231 -19.45 -10.68 -18.59
CA VAL A 231 -18.20 -10.07 -18.06
C VAL A 231 -17.17 -11.19 -17.80
N LYS A 232 -15.89 -10.85 -17.74
CA LYS A 232 -14.84 -11.85 -17.53
C LYS A 232 -14.23 -11.78 -16.12
N LEU A 233 -14.75 -10.89 -15.28
CA LEU A 233 -14.43 -10.77 -13.87
C LEU A 233 -15.68 -10.41 -13.09
N ILE A 234 -15.83 -10.99 -11.92
CA ILE A 234 -16.88 -10.66 -10.98
C ILE A 234 -16.23 -10.38 -9.64
N GLY A 235 -16.97 -9.71 -8.76
CA GLY A 235 -16.41 -9.39 -7.45
C GLY A 235 -17.38 -9.13 -6.35
N ALA A 236 -16.82 -8.67 -5.24
CA ALA A 236 -17.59 -8.38 -4.03
C ALA A 236 -17.14 -7.01 -3.48
N THR A 237 -18.06 -6.31 -2.79
CA THR A 237 -17.80 -4.98 -2.24
C THR A 237 -18.20 -4.90 -0.76
N CYS A 238 -17.22 -4.60 0.07
CA CYS A 238 -17.43 -4.30 1.47
C CYS A 238 -17.62 -2.77 1.56
N HIS A 239 -18.70 -2.37 2.21
CA HIS A 239 -19.04 -0.97 2.30
C HIS A 239 -19.84 -0.66 3.55
N TYR A 240 -19.75 0.59 3.99
CA TYR A 240 -20.62 1.07 5.09
C TYR A 240 -22.05 1.25 4.55
N VAL A 241 -23.07 0.93 5.35
CA VAL A 241 -24.45 1.09 4.93
C VAL A 241 -24.93 2.50 5.23
N THR A 242 -25.51 3.16 4.25
CA THR A 242 -26.12 4.49 4.45
C THR A 242 -27.58 4.43 4.06
N GLU A 243 -28.32 5.52 4.29
CA GLU A 243 -29.78 5.58 3.98
C GLU A 243 -30.13 5.28 2.50
N GLU A 244 -29.23 5.61 1.57
CA GLU A 244 -29.45 5.31 0.14
C GLU A 244 -28.88 3.94 -0.27
N LEU A 245 -29.76 3.10 -0.82
CA LEU A 245 -29.45 1.70 -1.15
C LEU A 245 -28.22 1.55 -2.07
N ASP A 246 -27.31 0.63 -1.69
CA ASP A 246 -26.08 0.30 -2.41
C ASP A 246 -25.05 1.44 -2.60
N ALA A 247 -25.34 2.65 -2.10
CA ALA A 247 -24.56 3.84 -2.41
C ALA A 247 -23.48 4.20 -1.37
N GLY A 248 -23.35 3.38 -0.32
CA GLY A 248 -22.49 3.73 0.83
C GLY A 248 -20.98 3.69 0.60
N PRO A 249 -20.20 4.31 1.51
CA PRO A 249 -18.75 4.37 1.35
C PRO A 249 -18.07 3.00 1.21
N ILE A 250 -17.32 2.83 0.12
CA ILE A 250 -16.66 1.55 -0.17
C ILE A 250 -15.37 1.43 0.65
N ILE A 251 -15.21 0.31 1.32
CA ILE A 251 -14.07 0.03 2.18
C ILE A 251 -13.05 -0.82 1.44
N GLU A 252 -13.52 -1.88 0.80
CA GLU A 252 -12.67 -2.77 0.03
C GLU A 252 -13.46 -3.48 -1.06
N GLN A 253 -12.74 -3.83 -2.11
CA GLN A 253 -13.26 -4.61 -3.22
C GLN A 253 -12.20 -5.57 -3.74
N ASP A 254 -12.66 -6.69 -4.28
CA ASP A 254 -11.79 -7.56 -5.05
C ASP A 254 -12.61 -8.31 -6.09
N VAL A 255 -11.89 -9.03 -6.95
CA VAL A 255 -12.47 -9.74 -8.07
C VAL A 255 -11.85 -11.13 -8.25
N VAL A 256 -12.52 -11.94 -9.06
CA VAL A 256 -12.04 -13.26 -9.47
C VAL A 256 -12.40 -13.39 -10.93
N ARG A 257 -11.54 -14.05 -11.68
CA ARG A 257 -11.75 -14.20 -13.12
C ARG A 257 -12.78 -15.30 -13.39
N VAL A 258 -13.68 -15.03 -14.34
CA VAL A 258 -14.60 -16.03 -14.85
C VAL A 258 -14.51 -16.06 -16.36
N SER A 259 -15.03 -17.13 -16.96
CA SER A 259 -15.05 -17.26 -18.41
C SER A 259 -16.31 -18.02 -18.82
N HIS A 260 -16.41 -18.30 -20.11
CA HIS A 260 -17.52 -19.07 -20.68
C HIS A 260 -17.63 -20.48 -20.10
N ARG A 261 -16.53 -20.99 -19.55
CA ARG A 261 -16.51 -22.31 -18.95
C ARG A 261 -17.34 -22.40 -17.68
N ASP A 262 -17.61 -21.25 -17.05
CA ASP A 262 -18.20 -21.24 -15.72
C ASP A 262 -19.72 -21.06 -15.74
N SER A 263 -20.43 -22.02 -15.20
CA SER A 263 -21.88 -21.90 -15.00
C SER A 263 -22.19 -20.85 -13.92
N ILE A 264 -23.42 -20.35 -13.87
CA ILE A 264 -23.86 -19.41 -12.83
C ILE A 264 -23.56 -19.99 -11.42
N GLU A 265 -23.76 -21.31 -11.26
CA GLU A 265 -23.48 -21.97 -9.96
C GLU A 265 -21.99 -21.94 -9.62
N ASN A 266 -21.13 -22.09 -10.64
CA ASN A 266 -19.68 -21.94 -10.43
C ASN A 266 -19.35 -20.52 -10.02
N VAL A 268 -21.35 -18.26 -8.64
CA VAL A 268 -21.84 -18.05 -7.28
C VAL A 268 -20.84 -18.64 -6.26
N ARG A 269 -20.26 -19.80 -6.58
CA ARG A 269 -19.31 -20.47 -5.68
C ARG A 269 -18.00 -19.68 -5.57
N PHE A 270 -17.46 -19.19 -6.68
CA PHE A 270 -16.29 -18.34 -6.63
C PHE A 270 -16.59 -17.07 -5.83
N GLY A 271 -17.80 -16.53 -6.05
CA GLY A 271 -18.30 -15.38 -5.35
C GLY A 271 -18.14 -15.48 -3.84
N ARG A 272 -18.52 -16.62 -3.27
CA ARG A 272 -18.47 -16.83 -1.84
C ARG A 272 -17.07 -16.64 -1.26
N ASP A 273 -16.07 -17.12 -1.96
CA ASP A 273 -14.70 -16.84 -1.57
C ASP A 273 -14.29 -15.38 -1.67
N VAL A 274 -14.71 -14.67 -2.72
CA VAL A 274 -14.37 -13.25 -2.81
C VAL A 274 -15.10 -12.45 -1.70
N GLU A 275 -16.36 -12.78 -1.48
CA GLU A 275 -17.16 -12.14 -0.48
C GLU A 275 -16.50 -12.24 0.90
N LYS A 276 -16.07 -13.44 1.26
CA LYS A 276 -15.61 -13.62 2.62
C LYS A 276 -14.23 -13.00 2.84
N VAL A 278 -13.08 -10.30 1.20
CA VAL A 278 -13.30 -8.86 1.18
C VAL A 278 -13.94 -8.34 2.45
N LEU A 279 -14.89 -9.08 3.00
CA LEU A 279 -15.54 -8.71 4.24
C LEU A 279 -14.54 -8.76 5.40
N ALA A 280 -13.74 -9.83 5.47
CA ALA A 280 -12.77 -9.97 6.56
C ALA A 280 -11.77 -8.83 6.49
N ARG A 281 -11.26 -8.56 5.31
CA ARG A 281 -10.29 -7.49 5.21
C ARG A 281 -10.88 -6.15 5.61
N GLY A 282 -12.11 -5.86 5.18
CA GLY A 282 -12.78 -4.61 5.52
C GLY A 282 -13.09 -4.47 7.00
N LEU A 283 -13.59 -5.54 7.60
CA LEU A 283 -13.86 -5.53 9.05
C LEU A 283 -12.60 -5.33 9.85
N ARG A 284 -11.51 -5.99 9.45
CA ARG A 284 -10.27 -5.87 10.18
C ARG A 284 -9.73 -4.44 10.13
N ALA A 285 -9.81 -3.80 8.98
CA ALA A 285 -9.32 -2.44 8.84
C ALA A 285 -10.10 -1.48 9.79
N HIS A 286 -11.42 -1.66 9.81
CA HIS A 286 -12.30 -0.96 10.70
C HIS A 286 -11.97 -1.21 12.17
N LEU A 287 -11.78 -2.47 12.54
CA LEU A 287 -11.50 -2.82 13.93
C LEU A 287 -10.16 -2.22 14.40
N GLU A 288 -9.22 -2.01 13.47
CA GLU A 288 -7.93 -1.43 13.77
C GLU A 288 -7.89 0.09 13.61
N ASP A 289 -9.05 0.71 13.38
CA ASP A 289 -9.16 2.16 13.24
C ASP A 289 -8.31 2.67 12.09
N ARG A 290 -8.40 1.96 10.96
CA ARG A 290 -7.66 2.34 9.75
C ARG A 290 -8.52 2.96 8.67
N VAL A 291 -9.82 3.10 8.90
CA VAL A 291 -10.76 3.56 7.89
C VAL A 291 -11.38 4.86 8.31
N LEU A 292 -11.21 5.89 7.48
CA LEU A 292 -11.83 7.19 7.67
C LEU A 292 -12.69 7.48 6.45
N VAL A 293 -13.87 8.04 6.69
CA VAL A 293 -14.85 8.27 5.66
C VAL A 293 -14.91 9.76 5.47
N HIS A 294 -14.87 10.18 4.22
CA HIS A 294 -15.00 11.58 3.86
C HIS A 294 -15.61 11.64 2.47
N ASP A 295 -16.59 12.53 2.25
CA ASP A 295 -17.24 12.68 0.92
C ASP A 295 -17.70 11.33 0.32
N ASN A 296 -18.31 10.49 1.15
CA ASN A 296 -18.81 9.18 0.73
C ASN A 296 -17.74 8.20 0.21
N LYS A 297 -16.49 8.45 0.58
CA LYS A 297 -15.36 7.65 0.15
C LYS A 297 -14.55 7.29 1.40
N THR A 298 -13.64 6.35 1.30
CA THR A 298 -12.82 5.98 2.46
C THR A 298 -11.33 6.22 2.24
N VAL A 299 -10.63 6.68 3.28
CA VAL A 299 -9.20 6.48 3.37
C VAL A 299 -8.95 5.29 4.26
N VAL A 300 -8.12 4.37 3.74
CA VAL A 300 -7.77 3.13 4.42
C VAL A 300 -6.25 3.14 4.60
N PHE A 301 -5.81 3.38 5.82
CA PHE A 301 -4.39 3.43 6.15
C PHE A 301 -3.88 2.03 6.49
N ASP A 302 -3.14 1.47 5.54
N ASP A 302 -3.11 1.45 5.58
CA ASP A 302 -2.52 0.16 5.64
CA ASP A 302 -2.57 0.11 5.75
C ASP A 302 -1.06 0.22 6.10
C ASP A 302 -1.22 0.10 6.48
N GLN B 18 -2.00 21.21 -9.32
CA GLN B 18 -1.65 19.78 -9.51
C GLN B 18 -0.37 19.50 -10.36
N GLY B 19 0.03 20.45 -11.22
CA GLY B 19 1.32 20.37 -11.98
C GLY B 19 2.41 21.28 -11.38
N ARG B 21 5.70 22.56 -8.85
CA ARG B 21 7.05 22.22 -8.46
C ARG B 21 7.10 21.90 -6.95
N THR B 22 7.76 20.80 -6.63
CA THR B 22 7.95 20.41 -5.25
C THR B 22 9.39 20.06 -4.98
N PHE B 23 9.78 20.16 -3.71
CA PHE B 23 11.00 19.60 -3.20
C PHE B 23 10.61 18.30 -2.55
N ARG B 24 11.48 17.30 -2.63
CA ARG B 24 11.23 16.03 -1.95
C ARG B 24 12.35 15.77 -0.96
N LEU B 25 11.95 15.57 0.28
CA LEU B 25 12.84 15.30 1.39
C LEU B 25 12.70 13.84 1.76
N VAL B 26 13.78 13.09 1.66
CA VAL B 26 13.84 11.62 1.87
C VAL B 26 14.87 11.36 2.96
N ILE B 27 14.45 10.60 3.96
CA ILE B 27 15.22 10.41 5.16
C ILE B 27 15.17 8.94 5.60
N ALA B 28 16.32 8.39 5.94
CA ALA B 28 16.43 7.12 6.64
C ALA B 28 17.42 7.37 7.76
N CYS B 29 17.07 6.93 8.97
CA CYS B 29 17.92 7.17 10.14
C CYS B 29 17.52 6.27 11.29
N PRO B 30 18.36 6.21 12.33
CA PRO B 30 17.93 5.39 13.50
C PRO B 30 16.71 6.02 14.14
N ASP B 31 15.77 5.19 14.56
CA ASP B 31 14.52 5.69 15.15
C ASP B 31 14.78 6.48 16.42
N ARG B 32 14.17 7.66 16.51
CA ARG B 32 14.19 8.51 17.70
C ARG B 32 12.77 9.04 17.93
N VAL B 33 12.42 9.20 19.19
CA VAL B 33 11.07 9.64 19.58
C VAL B 33 10.61 11.00 18.98
N GLY B 34 11.51 11.98 18.95
CA GLY B 34 11.16 13.34 18.51
C GLY B 34 11.38 13.73 17.06
N ILE B 35 11.64 12.79 16.16
CA ILE B 35 11.98 13.16 14.75
C ILE B 35 10.79 13.79 14.00
N VAL B 36 9.62 13.18 14.09
CA VAL B 36 8.43 13.78 13.46
C VAL B 36 8.13 15.17 13.99
N ALA B 37 8.26 15.36 15.31
CA ALA B 37 8.11 16.68 15.91
C ALA B 37 9.11 17.68 15.38
N LYS B 38 10.37 17.26 15.29
CA LYS B 38 11.43 18.16 14.96
C LYS B 38 11.33 18.58 13.49
N VAL B 39 11.06 17.63 12.60
CA VAL B 39 10.93 17.90 11.17
C VAL B 39 9.65 18.69 10.84
N SER B 40 8.55 18.36 11.50
CA SER B 40 7.28 19.09 11.28
C SER B 40 7.35 20.52 11.80
N ASN B 41 7.99 20.73 12.93
CA ASN B 41 8.22 22.08 13.41
C ASN B 41 9.07 22.91 12.40
N PHE B 42 10.15 22.33 11.93
CA PHE B 42 10.99 22.99 10.96
C PHE B 42 10.21 23.36 9.69
N LEU B 43 9.43 22.41 9.16
CA LEU B 43 8.70 22.62 7.90
C LEU B 43 7.55 23.59 8.04
N ALA B 44 6.76 23.43 9.10
CA ALA B 44 5.59 24.27 9.34
C ALA B 44 6.00 25.69 9.63
N SER B 45 7.02 25.85 10.45
CA SER B 45 7.48 27.18 10.79
C SER B 45 8.00 27.94 9.56
N HIS B 46 8.41 27.19 8.53
CA HIS B 46 8.87 27.78 7.24
C HIS B 46 7.82 27.73 6.15
N ASN B 47 6.53 27.65 6.50
CA ASN B 47 5.46 27.54 5.49
C ASN B 47 5.66 26.40 4.48
N GLY B 48 6.08 25.25 4.98
CA GLY B 48 6.17 24.06 4.15
C GLY B 48 4.81 23.44 3.94
N TRP B 49 4.23 23.66 2.77
CA TRP B 49 2.96 23.07 2.43
C TRP B 49 3.25 21.63 1.99
N ILE B 50 2.90 20.68 2.84
CA ILE B 50 3.18 19.28 2.57
C ILE B 50 2.08 18.76 1.67
N THR B 51 2.44 18.32 0.47
CA THR B 51 1.45 17.69 -0.45
C THR B 51 1.37 16.19 -0.23
N GLU B 52 2.42 15.61 0.36
CA GLU B 52 2.53 14.17 0.55
C GLU B 52 3.54 13.87 1.65
N ALA B 53 3.19 12.97 2.55
CA ALA B 53 4.07 12.56 3.62
C ALA B 53 3.91 11.05 3.82
N SER B 54 5.03 10.33 3.84
CA SER B 54 5.05 8.89 4.03
C SER B 54 6.00 8.54 5.15
N HIS B 55 5.65 7.53 5.94
CA HIS B 55 6.42 7.14 7.10
C HIS B 55 6.49 5.63 7.19
N HIS B 56 7.60 5.12 7.72
CA HIS B 56 7.70 3.72 8.07
C HIS B 56 8.75 3.54 9.16
N SER B 57 8.38 2.75 10.17
CA SER B 57 9.31 2.32 11.20
C SER B 57 9.56 0.82 11.07
N ASP B 58 10.84 0.45 11.09
CA ASP B 58 11.27 -0.94 11.16
C ASP B 58 11.77 -1.14 12.57
N ASN B 59 10.87 -1.58 13.46
CA ASN B 59 11.18 -1.75 14.88
C ASN B 59 12.25 -2.83 15.17
N LEU B 60 12.36 -3.81 14.29
CA LEU B 60 13.35 -4.89 14.43
C LEU B 60 14.79 -4.45 14.15
N SER B 61 15.04 -3.48 13.26
CA SER B 61 16.39 -2.92 13.11
C SER B 61 16.50 -1.58 13.81
N GLY B 62 15.39 -1.06 14.33
CA GLY B 62 15.38 0.22 15.02
C GLY B 62 15.62 1.38 14.08
N TRP B 63 15.05 1.29 12.88
CA TRP B 63 15.24 2.34 11.86
CA TRP B 63 15.24 2.30 11.83
C TRP B 63 13.92 3.00 11.52
N PHE B 64 13.99 4.24 11.06
CA PHE B 64 12.81 5.00 10.67
C PHE B 64 13.06 5.53 9.26
N PHE B 65 11.98 5.69 8.50
CA PHE B 65 12.01 6.13 7.12
C PHE B 65 10.91 7.15 6.89
N ARG B 67 9.41 10.31 3.92
CA ARG B 67 9.47 11.07 2.67
C ARG B 67 8.35 12.13 2.68
N HIS B 68 8.73 13.35 2.32
CA HIS B 68 7.82 14.47 2.26
C HIS B 68 7.96 15.11 0.90
N GLU B 69 6.84 15.40 0.25
CA GLU B 69 6.84 16.32 -0.91
CA GLU B 69 6.84 16.29 -0.90
C GLU B 69 6.27 17.63 -0.41
N ILE B 70 6.99 18.72 -0.71
CA ILE B 70 6.70 20.04 -0.22
C ILE B 70 6.65 21.05 -1.39
N ARG B 71 5.64 21.92 -1.37
CA ARG B 71 5.52 22.94 -2.42
C ARG B 71 6.71 23.85 -2.39
N ALA B 72 7.36 23.99 -3.53
CA ALA B 72 8.58 24.77 -3.61
C ALA B 72 8.32 26.24 -3.52
N ASP B 73 7.29 26.73 -4.20
CA ASP B 73 7.11 28.18 -4.37
CA ASP B 73 7.13 28.19 -4.36
C ASP B 73 6.87 28.91 -3.04
N THR B 74 6.14 28.27 -2.12
CA THR B 74 5.81 28.90 -0.84
C THR B 74 6.84 28.66 0.32
N LEU B 75 7.87 27.85 0.09
CA LEU B 75 8.97 27.64 1.03
C LEU B 75 10.06 28.68 0.77
N PRO B 76 10.49 29.40 1.83
CA PRO B 76 11.47 30.49 1.65
C PRO B 76 12.94 30.01 1.54
N PHE B 77 13.17 29.03 0.66
CA PHE B 77 14.49 28.48 0.39
C PHE B 77 14.56 28.10 -1.07
N ASP B 78 15.74 28.16 -1.65
CA ASP B 78 15.98 27.40 -2.90
C ASP B 78 16.47 26.01 -2.49
N LEU B 79 16.85 25.18 -3.47
CA LEU B 79 17.25 23.79 -3.19
C LEU B 79 18.49 23.78 -2.29
N ASP B 80 19.51 24.55 -2.65
CA ASP B 80 20.74 24.59 -1.86
C ASP B 80 20.50 25.14 -0.44
N GLY B 81 19.70 26.20 -0.35
CA GLY B 81 19.40 26.82 0.93
C GLY B 81 18.62 25.91 1.87
N PHE B 82 17.73 25.08 1.32
CA PHE B 82 16.92 24.13 2.09
C PHE B 82 17.86 23.03 2.61
N ARG B 83 18.76 22.57 1.77
CA ARG B 83 19.76 21.57 2.17
C ARG B 83 20.60 22.11 3.35
N GLU B 84 21.11 23.33 3.20
CA GLU B 84 21.87 23.95 4.29
C GLU B 84 21.09 24.10 5.57
N ALA B 85 19.88 24.65 5.46
CA ALA B 85 19.02 24.91 6.63
C ALA B 85 18.63 23.63 7.37
N PHE B 86 18.53 22.52 6.64
CA PHE B 86 18.08 21.24 7.22
C PHE B 86 19.22 20.37 7.80
N THR B 87 20.46 20.71 7.46
CA THR B 87 21.65 19.99 7.89
C THR B 87 21.78 19.83 9.43
N PRO B 88 21.49 20.89 10.23
CA PRO B 88 21.59 20.69 11.68
C PRO B 88 20.65 19.58 12.21
N ILE B 89 19.44 19.52 11.68
CA ILE B 89 18.52 18.41 12.06
C ILE B 89 19.06 17.07 11.57
N ALA B 90 19.53 17.01 10.33
CA ALA B 90 20.09 15.79 9.76
C ALA B 90 21.28 15.26 10.59
N GLU B 91 22.15 16.17 11.00
CA GLU B 91 23.31 15.79 11.79
C GLU B 91 22.90 15.35 13.22
N GLU B 92 21.90 15.99 13.78
CA GLU B 92 21.43 15.67 15.11
C GLU B 92 20.89 14.25 15.16
N PHE B 93 20.22 13.84 14.09
CA PHE B 93 19.62 12.53 14.00
C PHE B 93 20.39 11.55 13.09
N SER B 94 21.66 11.84 12.76
CA SER B 94 22.53 10.91 11.97
C SER B 94 21.81 10.36 10.76
N ASP B 96 20.61 9.57 6.96
CA ASP B 96 20.92 9.40 5.56
CA ASP B 96 20.91 9.36 5.56
C ASP B 96 19.77 10.09 4.87
N TRP B 97 20.07 11.17 4.16
CA TRP B 97 19.01 11.99 3.61
C TRP B 97 19.36 12.67 2.29
N ARG B 98 18.32 13.14 1.61
CA ARG B 98 18.51 14.05 0.51
C ARG B 98 17.25 14.87 0.24
N ILE B 99 17.47 15.99 -0.43
CA ILE B 99 16.40 16.82 -0.93
C ILE B 99 16.62 16.99 -2.43
N THR B 100 15.57 16.73 -3.20
CA THR B 100 15.58 16.92 -4.64
C THR B 100 14.49 17.90 -5.07
N ASP B 101 14.66 18.39 -6.29
CA ASP B 101 13.80 19.39 -6.91
C ASP B 101 13.02 18.66 -8.01
N SER B 102 11.69 18.63 -7.92
CA SER B 102 10.86 17.88 -8.87
C SER B 102 11.13 18.34 -10.32
N ALA B 103 11.43 19.60 -10.51
CA ALA B 103 11.69 20.14 -11.85
C ALA B 103 13.09 19.88 -12.37
N GLN B 104 13.92 19.19 -11.60
CA GLN B 104 15.28 18.86 -12.03
C GLN B 104 15.26 17.41 -12.54
N LYS B 105 15.29 17.25 -13.85
CA LYS B 105 15.20 15.95 -14.48
C LYS B 105 16.44 15.12 -14.22
N LYS B 106 16.24 13.87 -13.81
CA LYS B 106 17.35 12.95 -13.64
C LYS B 106 17.83 12.45 -15.01
N ARG B 107 19.14 12.21 -15.11
CA ARG B 107 19.77 11.72 -16.34
CA ARG B 107 19.73 11.71 -16.36
C ARG B 107 19.78 10.20 -16.31
N VAL B 108 19.04 9.57 -17.23
CA VAL B 108 18.95 8.13 -17.32
C VAL B 108 19.72 7.61 -18.53
N VAL B 109 20.51 6.57 -18.31
CA VAL B 109 21.18 5.84 -19.37
C VAL B 109 20.50 4.51 -19.46
N LEU B 110 20.03 4.17 -20.66
CA LEU B 110 19.39 2.89 -20.90
C LEU B 110 20.37 1.98 -21.61
N ALA B 112 20.53 -1.93 -23.51
CA ALA B 112 19.73 -2.96 -24.14
C ALA B 112 20.58 -3.80 -25.09
N SER B 113 20.15 -5.04 -25.29
CA SER B 113 20.84 -5.97 -26.18
C SER B 113 19.98 -6.16 -27.43
N ARG B 114 19.22 -7.24 -27.50
CA ARG B 114 18.42 -7.55 -28.69
C ARG B 114 16.90 -7.46 -28.49
N GLU B 115 16.43 -7.87 -27.31
CA GLU B 115 15.03 -7.77 -26.96
C GLU B 115 14.66 -6.28 -26.84
N SER B 116 13.60 -5.87 -27.54
CA SER B 116 13.21 -4.46 -27.63
C SER B 116 12.01 -4.04 -26.75
N HIS B 117 11.32 -4.98 -26.15
CA HIS B 117 10.07 -4.69 -25.49
C HIS B 117 10.14 -3.69 -24.31
N CYS B 118 11.10 -3.87 -23.43
CA CYS B 118 11.32 -2.93 -22.32
C CYS B 118 11.80 -1.55 -22.79
N LEU B 119 12.78 -1.52 -23.71
CA LEU B 119 13.28 -0.27 -24.25
C LEU B 119 12.19 0.55 -24.93
N ALA B 120 11.42 -0.06 -25.83
CA ALA B 120 10.34 0.65 -26.54
C ALA B 120 9.28 1.17 -25.56
N ASP B 121 9.01 0.39 -24.51
CA ASP B 121 8.04 0.80 -23.52
C ASP B 121 8.51 2.08 -22.83
N LEU B 122 9.76 2.10 -22.40
CA LEU B 122 10.28 3.25 -21.67
C LEU B 122 10.39 4.47 -22.57
N LEU B 123 10.86 4.24 -23.79
CA LEU B 123 10.95 5.32 -24.76
C LEU B 123 9.56 5.89 -25.06
N HIS B 124 8.53 5.05 -25.12
CA HIS B 124 7.20 5.59 -25.39
C HIS B 124 6.70 6.49 -24.24
N ARG B 125 6.87 6.00 -23.01
CA ARG B 125 6.50 6.74 -21.83
C ARG B 125 7.23 8.07 -21.73
N TRP B 126 8.52 8.06 -22.05
CA TRP B 126 9.32 9.28 -22.07
C TRP B 126 8.79 10.21 -23.19
N HIS B 127 8.64 9.66 -24.39
CA HIS B 127 8.20 10.45 -25.55
C HIS B 127 6.84 11.08 -25.35
N SER B 128 5.95 10.39 -24.65
CA SER B 128 4.59 10.89 -24.39
C SER B 128 4.51 11.75 -23.14
N ASP B 129 5.65 12.09 -22.53
CA ASP B 129 5.74 12.95 -21.35
C ASP B 129 5.16 12.33 -20.09
N GLU B 130 5.07 11.02 -20.04
CA GLU B 130 4.61 10.31 -18.83
C GLU B 130 5.78 10.11 -17.89
N LEU B 131 6.91 9.64 -18.42
CA LEU B 131 8.11 9.35 -17.64
C LEU B 131 8.97 10.62 -17.59
N ASP B 132 9.04 11.20 -16.41
CA ASP B 132 9.65 12.51 -16.20
C ASP B 132 11.15 12.39 -15.98
N CYS B 133 11.92 12.48 -17.06
CA CYS B 133 13.37 12.32 -17.01
C CYS B 133 13.98 12.68 -18.35
N ASP B 134 15.30 12.75 -18.35
CA ASP B 134 16.07 12.93 -19.54
C ASP B 134 16.69 11.58 -19.86
N ILE B 135 16.48 11.07 -21.06
CA ILE B 135 17.23 9.90 -21.55
C ILE B 135 18.51 10.41 -22.20
N ALA B 136 19.64 10.22 -21.51
CA ALA B 136 20.94 10.76 -21.94
C ALA B 136 21.50 10.03 -23.15
N CYS B 137 21.37 8.71 -23.11
CA CYS B 137 21.74 7.87 -24.25
C CYS B 137 21.27 6.45 -24.02
N VAL B 138 21.40 5.65 -25.08
CA VAL B 138 21.19 4.21 -24.96
C VAL B 138 22.51 3.55 -25.37
N ILE B 139 22.96 2.60 -24.55
CA ILE B 139 24.16 1.82 -24.88
C ILE B 139 23.73 0.42 -25.23
N SER B 140 24.31 -0.14 -26.28
CA SER B 140 23.99 -1.52 -26.68
C SER B 140 25.20 -2.28 -27.20
N ASN B 141 25.18 -3.59 -27.01
CA ASN B 141 26.22 -4.45 -27.54
C ASN B 141 25.92 -4.91 -28.98
N HIS B 142 24.77 -4.50 -29.50
CA HIS B 142 24.41 -4.75 -30.90
C HIS B 142 23.87 -3.50 -31.60
N GLN B 143 23.68 -3.58 -32.91
CA GLN B 143 23.21 -2.45 -33.74
C GLN B 143 21.68 -2.49 -33.96
N ASP B 144 21.08 -3.62 -33.58
CA ASP B 144 19.67 -3.91 -33.86
C ASP B 144 18.71 -2.78 -33.47
N LEU B 145 18.91 -2.21 -32.28
CA LEU B 145 18.00 -1.21 -31.75
C LEU B 145 18.32 0.24 -32.10
N ARG B 146 19.33 0.48 -32.95
CA ARG B 146 19.73 1.85 -33.27
C ARG B 146 18.58 2.66 -33.83
N SER B 147 17.98 2.13 -34.89
CA SER B 147 16.97 2.86 -35.64
C SER B 147 15.84 3.35 -34.73
N VAL B 149 15.94 3.96 -31.55
CA VAL B 149 16.49 4.95 -30.62
C VAL B 149 16.79 6.26 -31.35
N GLU B 150 17.35 6.20 -32.55
CA GLU B 150 17.68 7.44 -33.27
C GLU B 150 16.45 8.22 -33.72
N TRP B 151 15.32 7.56 -33.95
CA TRP B 151 14.05 8.26 -34.19
C TRP B 151 13.74 9.30 -33.10
N HIS B 152 14.07 8.97 -31.84
CA HIS B 152 13.85 9.88 -30.72
C HIS B 152 14.93 10.97 -30.54
N ASP B 153 15.94 11.01 -31.43
CA ASP B 153 17.11 11.90 -31.31
C ASP B 153 17.79 11.76 -29.94
N ILE B 154 17.95 10.51 -29.53
CA ILE B 154 18.71 10.15 -28.36
C ILE B 154 19.98 9.53 -28.93
N PRO B 155 21.17 9.88 -28.39
CA PRO B 155 22.38 9.20 -28.88
C PRO B 155 22.35 7.70 -28.58
N TYR B 156 22.74 6.91 -29.58
CA TYR B 156 22.82 5.46 -29.46
C TYR B 156 24.27 5.07 -29.66
N TYR B 157 24.79 4.25 -28.74
CA TYR B 157 26.19 3.84 -28.73
C TYR B 157 26.33 2.34 -28.83
N HIS B 158 26.99 1.90 -29.91
CA HIS B 158 27.28 0.47 -30.14
C HIS B 158 28.64 0.13 -29.50
N VAL B 159 28.59 -0.62 -28.40
CA VAL B 159 29.77 -1.05 -27.69
C VAL B 159 29.80 -2.57 -27.66
N PRO B 160 30.28 -3.20 -28.75
CA PRO B 160 30.31 -4.67 -28.80
C PRO B 160 31.27 -5.26 -27.77
N VAL B 161 30.91 -6.44 -27.26
CA VAL B 161 31.66 -7.12 -26.22
C VAL B 161 32.44 -8.32 -26.78
N ASP B 162 33.77 -8.23 -26.78
CA ASP B 162 34.62 -9.36 -27.15
C ASP B 162 34.61 -10.31 -25.94
N PRO B 163 34.04 -11.52 -26.09
CA PRO B 163 33.94 -12.37 -24.87
C PRO B 163 35.32 -12.90 -24.37
N LYS B 164 36.33 -12.85 -25.23
CA LYS B 164 37.70 -13.22 -24.86
C LYS B 164 38.40 -12.10 -24.09
N ASP B 165 38.02 -10.85 -24.36
CA ASP B 165 38.65 -9.67 -23.76
C ASP B 165 37.61 -8.59 -23.46
N LYS B 166 37.05 -8.63 -22.25
CA LYS B 166 35.94 -7.74 -21.87
C LYS B 166 36.35 -6.33 -21.38
N GLU B 167 37.64 -6.09 -21.13
CA GLU B 167 38.08 -4.80 -20.57
C GLU B 167 37.83 -3.57 -21.45
N PRO B 168 38.02 -3.67 -22.79
CA PRO B 168 37.71 -2.50 -23.62
C PRO B 168 36.22 -2.16 -23.64
N ALA B 169 35.36 -3.18 -23.77
CA ALA B 169 33.91 -2.98 -23.63
C ALA B 169 33.61 -2.31 -22.27
N PHE B 170 34.17 -2.85 -21.19
CA PHE B 170 33.92 -2.31 -19.84
C PHE B 170 34.27 -0.85 -19.68
N ALA B 171 35.42 -0.47 -20.23
CA ALA B 171 35.98 0.88 -20.13
C ALA B 171 35.13 1.89 -20.89
N GLU B 172 34.74 1.53 -22.11
CA GLU B 172 33.90 2.38 -22.94
C GLU B 172 32.49 2.57 -22.34
N VAL B 173 31.91 1.52 -21.78
CA VAL B 173 30.62 1.66 -21.07
C VAL B 173 30.74 2.64 -19.91
N SER B 174 31.76 2.45 -19.08
CA SER B 174 31.93 3.29 -17.92
C SER B 174 32.32 4.74 -18.29
N ARG B 175 33.05 4.91 -19.40
CA ARG B 175 33.35 6.25 -19.91
C ARG B 175 32.09 6.97 -20.41
N LEU B 176 31.24 6.26 -21.15
CA LEU B 176 30.02 6.85 -21.71
C LEU B 176 29.04 7.25 -20.63
N VAL B 177 28.89 6.37 -19.63
CA VAL B 177 28.04 6.63 -18.47
C VAL B 177 28.54 7.89 -17.76
N GLY B 178 29.87 8.01 -17.63
CA GLY B 178 30.52 9.13 -16.96
C GLY B 178 30.36 10.42 -17.72
N HIS B 179 30.56 10.36 -19.03
CA HIS B 179 30.43 11.51 -19.92
C HIS B 179 29.03 12.09 -19.86
N HIS B 180 28.01 11.21 -19.81
CA HIS B 180 26.64 11.69 -19.74
C HIS B 180 26.15 12.01 -18.32
N GLN B 181 27.04 11.94 -17.33
CA GLN B 181 26.72 12.33 -15.96
C GLN B 181 25.46 11.63 -15.48
N ALA B 182 25.42 10.32 -15.66
CA ALA B 182 24.22 9.56 -15.45
C ALA B 182 23.82 9.55 -13.98
N ASP B 183 22.53 9.72 -13.71
CA ASP B 183 21.96 9.62 -12.37
C ASP B 183 21.42 8.20 -12.14
N VAL B 184 20.90 7.57 -13.20
CA VAL B 184 20.43 6.18 -13.18
C VAL B 184 20.89 5.43 -14.42
N VAL B 185 21.29 4.18 -14.25
CA VAL B 185 21.58 3.31 -15.38
C VAL B 185 20.52 2.22 -15.36
N VAL B 186 19.83 2.02 -16.49
CA VAL B 186 18.75 1.04 -16.56
C VAL B 186 19.05 -0.04 -17.54
N LEU B 187 19.07 -1.27 -17.05
CA LEU B 187 19.28 -2.46 -17.89
C LEU B 187 17.93 -3.01 -18.39
N ALA B 188 17.58 -2.60 -19.61
CA ALA B 188 16.32 -2.96 -20.24
C ALA B 188 16.49 -4.28 -21.02
N ARG B 189 16.69 -5.36 -20.28
CA ARG B 189 17.09 -6.69 -20.80
C ARG B 189 18.47 -6.64 -21.51
N TYR B 190 19.42 -6.00 -20.84
CA TYR B 190 20.82 -6.01 -21.27
C TYR B 190 21.41 -7.28 -20.68
N GLN B 192 24.64 -8.75 -20.96
CA GLN B 192 26.09 -8.89 -20.71
C GLN B 192 26.47 -8.47 -19.30
N ILE B 193 27.70 -8.82 -18.92
CA ILE B 193 28.23 -8.50 -17.60
C ILE B 193 28.55 -7.02 -17.60
N LEU B 194 28.17 -6.35 -16.50
CA LEU B 194 28.47 -4.95 -16.33
C LEU B 194 29.90 -4.82 -15.86
N PRO B 195 30.53 -3.65 -16.12
CA PRO B 195 31.84 -3.36 -15.54
C PRO B 195 31.78 -3.49 -14.01
N PRO B 196 32.66 -4.29 -13.39
CA PRO B 196 32.52 -4.54 -11.94
C PRO B 196 32.50 -3.29 -11.07
N GLN B 197 33.22 -2.23 -11.47
CA GLN B 197 33.26 -0.96 -10.76
CA GLN B 197 33.24 -0.98 -10.69
C GLN B 197 31.95 -0.18 -10.87
N LEU B 198 31.19 -0.42 -11.93
CA LEU B 198 29.99 0.37 -12.21
C LEU B 198 28.96 0.32 -11.11
N CYS B 199 28.65 -0.86 -10.57
CA CYS B 199 27.65 -0.91 -9.47
C CYS B 199 28.22 -0.38 -8.12
N ARG B 200 29.55 -0.32 -8.00
CA ARG B 200 30.22 0.24 -6.81
C ARG B 200 30.14 1.77 -6.84
N GLU B 201 30.41 2.37 -8.00
CA GLU B 201 30.28 3.81 -8.19
C GLU B 201 28.82 4.31 -8.29
N TYR B 202 27.91 3.46 -8.79
CA TYR B 202 26.50 3.80 -8.92
C TYR B 202 25.66 2.90 -7.98
N ALA B 203 26.03 2.93 -6.69
CA ALA B 203 25.39 2.10 -5.68
C ALA B 203 23.90 2.48 -5.57
N HIS B 204 23.02 1.50 -5.77
CA HIS B 204 21.57 1.72 -5.81
C HIS B 204 21.16 2.78 -6.85
N GLN B 205 21.87 2.75 -7.98
CA GLN B 205 21.53 3.58 -9.12
C GLN B 205 21.53 2.80 -10.45
N VAL B 206 21.71 1.48 -10.36
CA VAL B 206 21.70 0.58 -11.49
C VAL B 206 20.50 -0.33 -11.26
N ILE B 207 19.48 -0.15 -12.11
CA ILE B 207 18.23 -0.86 -12.03
C ILE B 207 18.17 -1.94 -13.12
N ASN B 208 17.83 -3.14 -12.72
CA ASN B 208 17.72 -4.26 -13.65
C ASN B 208 16.29 -4.80 -13.67
N ILE B 209 15.88 -5.32 -14.83
CA ILE B 209 14.65 -6.11 -14.93
C ILE B 209 15.07 -7.56 -15.20
N HIS B 210 14.75 -8.42 -14.25
CA HIS B 210 15.05 -9.81 -14.37
C HIS B 210 13.77 -10.56 -14.66
N HIS B 211 13.89 -11.52 -15.55
CA HIS B 211 12.74 -12.19 -16.13
C HIS B 211 12.35 -13.46 -15.38
N SER B 212 12.27 -13.37 -14.07
CA SER B 212 11.65 -14.41 -13.25
C SER B 212 11.23 -13.77 -11.96
N PHE B 213 10.41 -14.50 -11.22
CA PHE B 213 9.93 -14.08 -9.96
C PHE B 213 10.92 -14.54 -8.90
N LEU B 214 11.96 -13.73 -8.72
CA LEU B 214 13.04 -14.03 -7.80
C LEU B 214 12.54 -14.27 -6.37
N PRO B 215 13.20 -15.15 -5.62
CA PRO B 215 14.43 -15.88 -5.94
C PRO B 215 14.29 -17.18 -6.80
N SER B 216 13.10 -17.51 -7.31
CA SER B 216 12.96 -18.66 -8.18
C SER B 216 13.69 -18.42 -9.51
N PHE B 217 14.25 -19.48 -10.08
CA PHE B 217 14.72 -19.50 -11.45
C PHE B 217 15.77 -18.45 -11.78
N VAL B 218 16.87 -18.46 -11.04
CA VAL B 218 18.01 -17.59 -11.35
C VAL B 218 18.75 -18.25 -12.46
N GLY B 219 19.49 -17.45 -13.20
CA GLY B 219 20.36 -18.00 -14.23
C GLY B 219 19.75 -17.93 -15.60
N ALA B 220 20.17 -18.86 -16.45
CA ALA B 220 19.78 -18.86 -17.85
C ALA B 220 18.36 -19.43 -18.03
N LYS B 221 17.64 -18.83 -18.98
CA LYS B 221 16.38 -19.35 -19.50
C LYS B 221 15.33 -19.61 -18.39
N PRO B 222 15.03 -18.58 -17.59
CA PRO B 222 14.07 -18.73 -16.49
C PRO B 222 12.66 -19.18 -16.91
N TYR B 223 12.18 -18.82 -18.11
CA TYR B 223 10.86 -19.30 -18.57
C TYR B 223 10.92 -20.80 -18.87
N HIS B 224 12.05 -21.27 -19.38
CA HIS B 224 12.27 -22.69 -19.60
C HIS B 224 12.29 -23.44 -18.27
N GLN B 225 12.96 -22.88 -17.27
CA GLN B 225 13.02 -23.46 -15.94
C GLN B 225 11.63 -23.50 -15.34
N ALA B 226 10.87 -22.42 -15.45
CA ALA B 226 9.48 -22.38 -14.98
C ALA B 226 8.59 -23.46 -15.65
N SER B 227 8.66 -23.54 -16.97
CA SER B 227 7.96 -24.61 -17.69
C SER B 227 8.32 -26.02 -17.21
N LEU B 228 9.61 -26.32 -17.04
CA LEU B 228 10.00 -27.65 -16.54
C LEU B 228 9.48 -27.94 -15.11
N ARG B 229 9.43 -26.93 -14.24
CA ARG B 229 8.93 -27.14 -12.89
C ARG B 229 7.39 -27.18 -12.86
N GLY B 230 6.75 -26.61 -13.88
CA GLY B 230 5.31 -26.64 -14.02
C GLY B 230 4.56 -25.73 -13.07
N VAL B 231 5.15 -24.58 -12.78
CA VAL B 231 4.50 -23.56 -11.98
C VAL B 231 3.26 -23.05 -12.72
N LYS B 232 2.33 -22.49 -11.97
CA LYS B 232 1.10 -21.96 -12.52
C LYS B 232 1.09 -20.43 -12.58
N LEU B 233 2.20 -19.80 -12.19
CA LEU B 233 2.41 -18.36 -12.33
C LEU B 233 3.90 -18.11 -12.52
N ILE B 234 4.20 -17.13 -13.36
CA ILE B 234 5.57 -16.70 -13.64
C ILE B 234 5.61 -15.20 -13.46
N GLY B 235 6.80 -14.63 -13.34
CA GLY B 235 6.90 -13.20 -13.05
C GLY B 235 8.20 -12.53 -13.41
N ALA B 236 8.33 -11.28 -13.00
CA ALA B 236 9.53 -10.51 -13.27
C ALA B 236 9.84 -9.65 -12.04
N THR B 237 11.09 -9.29 -11.90
CA THR B 237 11.61 -8.62 -10.74
C THR B 237 12.51 -7.45 -11.16
N CYS B 238 12.10 -6.25 -10.75
CA CYS B 238 12.91 -5.06 -10.90
C CYS B 238 13.73 -4.93 -9.61
N HIS B 239 15.05 -4.81 -9.73
CA HIS B 239 15.93 -4.76 -8.56
C HIS B 239 17.17 -3.95 -8.84
N TYR B 240 17.77 -3.42 -7.76
CA TYR B 240 19.04 -2.76 -7.85
C TYR B 240 20.12 -3.84 -8.01
N VAL B 241 21.12 -3.53 -8.83
CA VAL B 241 22.25 -4.42 -9.03
C VAL B 241 23.32 -4.16 -7.98
N THR B 242 23.74 -5.21 -7.29
CA THR B 242 24.85 -5.17 -6.32
C THR B 242 25.92 -6.15 -6.81
N GLU B 243 27.03 -6.24 -6.07
CA GLU B 243 28.18 -7.11 -6.46
C GLU B 243 27.84 -8.61 -6.60
N GLU B 244 26.83 -9.08 -5.87
CA GLU B 244 26.40 -10.48 -5.92
C GLU B 244 25.22 -10.68 -6.92
N LEU B 245 25.44 -11.55 -7.91
CA LEU B 245 24.49 -11.79 -9.02
C LEU B 245 23.09 -12.10 -8.51
N ASP B 246 22.12 -11.41 -9.11
CA ASP B 246 20.67 -11.56 -8.85
C ASP B 246 20.18 -11.45 -7.38
N ALA B 247 21.05 -10.96 -6.49
CA ALA B 247 20.72 -10.93 -5.08
C ALA B 247 20.33 -9.53 -4.57
N GLY B 248 20.28 -8.55 -5.48
CA GLY B 248 20.17 -7.12 -5.08
C GLY B 248 18.80 -6.70 -4.60
N PRO B 249 18.68 -5.51 -3.99
CA PRO B 249 17.37 -5.14 -3.38
C PRO B 249 16.22 -5.08 -4.41
N ILE B 250 15.13 -5.77 -4.08
CA ILE B 250 13.95 -5.86 -4.93
C ILE B 250 13.12 -4.59 -4.77
N ILE B 251 12.84 -3.94 -5.90
CA ILE B 251 12.04 -2.72 -5.97
C ILE B 251 10.60 -3.05 -6.24
N GLU B 252 10.37 -3.88 -7.25
CA GLU B 252 9.01 -4.31 -7.61
C GLU B 252 8.97 -5.67 -8.29
N GLN B 253 7.89 -6.42 -8.02
CA GLN B 253 7.64 -7.68 -8.68
C GLN B 253 6.20 -7.75 -9.10
N ASP B 254 5.93 -8.59 -10.09
CA ASP B 254 4.56 -8.98 -10.39
C ASP B 254 4.54 -10.33 -11.08
N VAL B 255 3.36 -10.84 -11.36
CA VAL B 255 3.19 -12.16 -11.92
C VAL B 255 2.07 -12.18 -12.95
N VAL B 256 2.10 -13.21 -13.78
CA VAL B 256 1.01 -13.51 -14.69
C VAL B 256 0.73 -15.04 -14.61
N ARG B 257 -0.54 -15.42 -14.68
CA ARG B 257 -0.94 -16.83 -14.57
C ARG B 257 -0.66 -17.54 -15.88
N VAL B 258 -0.19 -18.80 -15.79
CA VAL B 258 0.03 -19.69 -16.94
C VAL B 258 -0.58 -21.06 -16.60
N SER B 259 -0.89 -21.85 -17.62
CA SER B 259 -1.44 -23.19 -17.44
C SER B 259 -0.67 -24.13 -18.33
N HIS B 260 -1.02 -25.40 -18.23
CA HIS B 260 -0.52 -26.43 -19.15
C HIS B 260 -0.67 -26.10 -20.63
N ARG B 261 -1.66 -25.28 -20.95
CA ARG B 261 -1.92 -24.91 -22.30
C ARG B 261 -0.83 -23.98 -22.85
N ASP B 262 -0.07 -23.33 -21.98
CA ASP B 262 0.84 -22.31 -22.45
C ASP B 262 2.22 -22.87 -22.70
N SER B 263 2.56 -22.94 -23.97
CA SER B 263 3.91 -23.31 -24.40
C SER B 263 4.92 -22.26 -23.94
N ILE B 264 6.19 -22.61 -24.01
CA ILE B 264 7.29 -21.73 -23.64
C ILE B 264 7.27 -20.41 -24.39
N GLU B 265 7.01 -20.50 -25.68
CA GLU B 265 6.85 -19.33 -26.55
C GLU B 265 5.79 -18.40 -25.99
N ASN B 266 4.66 -18.97 -25.60
CA ASN B 266 3.57 -18.17 -25.03
C ASN B 266 3.89 -17.62 -23.62
N VAL B 268 7.01 -16.85 -22.56
CA VAL B 268 7.96 -15.77 -22.87
C VAL B 268 7.21 -14.50 -23.30
N ARG B 269 6.15 -14.69 -24.09
CA ARG B 269 5.35 -13.58 -24.55
C ARG B 269 4.57 -12.92 -23.44
N PHE B 270 3.94 -13.71 -22.56
CA PHE B 270 3.25 -13.13 -21.40
C PHE B 270 4.25 -12.40 -20.52
N GLY B 271 5.42 -13.01 -20.37
CA GLY B 271 6.52 -12.49 -19.58
C GLY B 271 7.01 -11.11 -19.99
N ARG B 272 7.07 -10.86 -21.30
CA ARG B 272 7.45 -9.54 -21.84
CA ARG B 272 7.45 -9.54 -21.84
C ARG B 272 6.55 -8.45 -21.27
N ASP B 273 5.24 -8.70 -21.26
CA ASP B 273 4.31 -7.73 -20.69
C ASP B 273 4.57 -7.50 -19.21
N VAL B 274 4.84 -8.57 -18.46
CA VAL B 274 5.15 -8.38 -17.05
C VAL B 274 6.49 -7.66 -16.86
N GLU B 275 7.53 -8.06 -17.58
CA GLU B 275 8.83 -7.36 -17.53
C GLU B 275 8.64 -5.87 -17.78
N LYS B 276 7.92 -5.50 -18.85
CA LYS B 276 7.71 -4.08 -19.21
C LYS B 276 7.05 -3.29 -18.10
N VAL B 278 6.66 -4.03 -14.81
CA VAL B 278 7.42 -4.05 -13.56
C VAL B 278 8.65 -3.12 -13.64
N LEU B 279 9.38 -3.14 -14.75
CA LEU B 279 10.48 -2.20 -14.93
C LEU B 279 9.95 -0.76 -14.90
N ALA B 280 8.86 -0.50 -15.60
CA ALA B 280 8.32 0.89 -15.64
C ALA B 280 7.92 1.39 -14.27
N ARG B 281 7.26 0.54 -13.49
CA ARG B 281 6.85 0.91 -12.16
C ARG B 281 8.04 1.15 -11.26
N GLY B 282 9.05 0.29 -11.33
CA GLY B 282 10.25 0.44 -10.50
C GLY B 282 11.07 1.69 -10.85
N LEU B 283 11.24 1.94 -12.14
CA LEU B 283 12.00 3.10 -12.56
C LEU B 283 11.28 4.39 -12.15
N ARG B 284 9.97 4.46 -12.33
CA ARG B 284 9.25 5.66 -11.95
C ARG B 284 9.33 5.88 -10.43
N ALA B 285 9.20 4.83 -9.62
CA ALA B 285 9.32 4.97 -8.17
C ALA B 285 10.70 5.52 -7.84
N HIS B 286 11.72 5.05 -8.55
CA HIS B 286 13.05 5.53 -8.36
C HIS B 286 13.15 6.99 -8.74
N LEU B 287 12.63 7.33 -9.91
CA LEU B 287 12.71 8.68 -10.44
C LEU B 287 12.02 9.66 -9.51
N GLU B 288 10.97 9.21 -8.80
CA GLU B 288 10.21 10.10 -7.95
C GLU B 288 10.71 10.14 -6.51
N ASP B 289 11.89 9.57 -6.27
CA ASP B 289 12.50 9.51 -4.94
C ASP B 289 11.60 8.84 -3.91
N ARG B 290 11.04 7.69 -4.32
CA ARG B 290 10.14 6.89 -3.47
C ARG B 290 10.74 5.60 -2.92
N VAL B 291 11.95 5.27 -3.33
CA VAL B 291 12.57 4.00 -3.00
C VAL B 291 13.74 4.18 -2.09
N LEU B 292 13.72 3.52 -0.93
CA LEU B 292 14.82 3.59 0.02
C LEU B 292 15.29 2.18 0.30
N VAL B 293 16.62 2.02 0.39
CA VAL B 293 17.25 0.73 0.59
C VAL B 293 17.75 0.61 2.02
N HIS B 294 17.42 -0.51 2.65
CA HIS B 294 17.89 -0.83 3.97
C HIS B 294 17.91 -2.34 4.16
N ASP B 295 19.04 -2.89 4.66
CA ASP B 295 19.22 -4.34 4.87
C ASP B 295 18.91 -5.17 3.64
N ASN B 296 19.38 -4.68 2.49
CA ASN B 296 19.17 -5.33 1.21
C ASN B 296 17.71 -5.48 0.76
N LYS B 297 16.85 -4.62 1.29
CA LYS B 297 15.42 -4.60 1.03
C LYS B 297 15.02 -3.15 0.72
N THR B 298 13.83 -2.96 0.17
CA THR B 298 13.36 -1.60 -0.12
C THR B 298 12.11 -1.22 0.62
N VAL B 299 12.06 0.04 0.99
CA VAL B 299 10.79 0.68 1.30
C VAL B 299 10.43 1.50 0.10
N VAL B 300 9.20 1.29 -0.37
CA VAL B 300 8.71 1.94 -1.58
C VAL B 300 7.48 2.71 -1.22
N PHE B 301 7.62 4.02 -1.11
CA PHE B 301 6.54 4.89 -0.68
C PHE B 301 5.67 5.28 -1.85
N ASP B 302 4.60 4.51 -2.06
CA ASP B 302 3.61 4.78 -3.11
C ASP B 302 2.52 5.76 -2.63
#